data_2H4V
#
_entry.id   2H4V
#
_cell.length_a   74.849
_cell.length_b   78.859
_cell.length_c   121.758
_cell.angle_alpha   90.00
_cell.angle_beta   90.00
_cell.angle_gamma   90.00
#
_symmetry.space_group_name_H-M   'P 21 21 21'
#
loop_
_entity.id
_entity.type
_entity.pdbx_description
1 polymer 'Receptor-type tyrosine-protein phosphatase gamma'
2 non-polymer 'CHLORIDE ION'
3 non-polymer 'CITRATE ANION'
4 non-polymer 'ACETATE ION'
5 non-polymer 1,2-ETHANEDIOL
6 non-polymer 'SODIUM ION'
7 water water
#
_entity_poly.entity_id   1
_entity_poly.type   'polypeptide(L)'
_entity_poly.pdbx_seq_one_letter_code
;MHHHHHHSSGVDLGTENLYFQSMKQFVKHIGELYSNNQHGFSEDFEEVQRCTADMNITAEHSNHPENKHKNRYINILAYD
HSRVKLRPLPGKDSKHSDYINANYVDGYNKAKAYIATQGPLKSTFEDFWRMIWEQNTGIIVMITNLVEKGRRKCDQYWPT
ENSEEYGNIIVTLKSTKIHACYTVRRFSIRNTKVKKGQKGNPKGRQNERVVIQYHYTQWPDMGVPEYALPVLTFVRRSSA
ARMPETGPVLVHCSAGVGRTGTYIVIDSMLQQIKDKSTVNVLGFLKHIRTQRNYLVQTEEQYIFIHDALLEAILGKETEV
;
_entity_poly.pdbx_strand_id   A,B
#
loop_
_chem_comp.id
_chem_comp.type
_chem_comp.name
_chem_comp.formula
ACT non-polymer 'ACETATE ION' 'C2 H3 O2 -1'
CL non-polymer 'CHLORIDE ION' 'Cl -1'
EDO non-polymer 1,2-ETHANEDIOL 'C2 H6 O2'
FLC non-polymer 'CITRATE ANION' 'C6 H5 O7 -3'
NA non-polymer 'SODIUM ION' 'Na 1'
#
# COMPACT_ATOMS: atom_id res chain seq x y z
N TYR A 19 18.78 35.96 0.23
CA TYR A 19 18.27 37.23 -0.30
C TYR A 19 16.87 37.08 -0.92
N PHE A 20 16.24 38.22 -1.20
CA PHE A 20 15.03 38.30 -2.03
C PHE A 20 15.19 37.56 -3.37
N GLN A 21 16.38 37.63 -3.96
CA GLN A 21 16.62 37.08 -5.29
C GLN A 21 16.64 35.56 -5.36
N SER A 22 17.19 34.90 -4.34
CA SER A 22 17.18 33.44 -4.31
C SER A 22 15.76 32.94 -3.97
N MET A 23 15.00 33.76 -3.22
CA MET A 23 13.61 33.43 -2.94
C MET A 23 12.78 33.51 -4.21
N LYS A 24 13.04 34.55 -4.99
CA LYS A 24 12.43 34.72 -6.31
C LYS A 24 12.72 33.53 -7.23
N GLN A 25 13.98 33.06 -7.25
CA GLN A 25 14.36 31.91 -8.10
C GLN A 25 13.71 30.60 -7.64
N PHE A 26 13.60 30.39 -6.32
CA PHE A 26 12.90 29.23 -5.80
C PHE A 26 11.42 29.20 -6.17
N VAL A 27 10.74 30.34 -5.95
CA VAL A 27 9.35 30.47 -6.32
C VAL A 27 9.19 30.17 -7.82
N LYS A 28 10.04 30.76 -8.65
CA LYS A 28 10.02 30.42 -10.08
C LYS A 28 10.32 28.93 -10.33
N HIS A 29 11.23 28.34 -9.56
CA HIS A 29 11.57 26.93 -9.72
C HIS A 29 10.35 26.03 -9.43
N ILE A 30 9.53 26.41 -8.45
CA ILE A 30 8.29 25.70 -8.15
C ILE A 30 7.40 25.65 -9.37
N GLY A 31 7.22 26.79 -10.01
CA GLY A 31 6.43 26.77 -11.22
C GLY A 31 7.03 25.92 -12.31
N GLU A 32 8.35 25.95 -12.44
CA GLU A 32 9.05 25.10 -13.39
C GLU A 32 8.69 23.63 -13.16
N LEU A 33 8.71 23.20 -11.90
CA LEU A 33 8.46 21.79 -11.59
C LEU A 33 7.04 21.38 -11.96
N TYR A 34 6.12 22.32 -11.82
CA TYR A 34 4.70 22.12 -12.11
C TYR A 34 4.43 22.04 -13.60
N SER A 35 5.26 22.69 -14.40
CA SER A 35 4.98 22.83 -15.83
C SER A 35 4.97 21.48 -16.56
N ASN A 36 4.25 21.43 -17.69
CA ASN A 36 4.19 20.25 -18.54
C ASN A 36 3.69 19.03 -17.77
N ASN A 37 2.54 19.19 -17.14
CA ASN A 37 1.92 18.15 -16.34
C ASN A 37 2.88 17.62 -15.28
N GLN A 38 3.54 18.56 -14.58
CA GLN A 38 4.38 18.21 -13.43
C GLN A 38 5.59 17.32 -13.77
N HIS A 39 6.10 17.46 -14.99
CA HIS A 39 7.23 16.69 -15.48
C HIS A 39 8.45 16.82 -14.56
N GLY A 40 8.78 18.05 -14.16
CA GLY A 40 9.93 18.29 -13.28
C GLY A 40 9.79 17.63 -11.90
N PHE A 41 8.59 17.68 -11.33
CA PHE A 41 8.35 17.01 -10.06
C PHE A 41 8.59 15.50 -10.20
N SER A 42 8.13 14.93 -11.31
CA SER A 42 8.27 13.48 -11.54
C SER A 42 9.74 13.12 -11.71
N GLU A 43 10.44 13.94 -12.48
CA GLU A 43 11.86 13.75 -12.66
C GLU A 43 12.60 13.77 -11.31
N ASP A 44 12.33 14.81 -10.52
CA ASP A 44 12.97 14.96 -9.22
C ASP A 44 12.68 13.71 -8.36
N PHE A 45 11.43 13.29 -8.30
CA PHE A 45 11.08 12.23 -7.37
C PHE A 45 11.58 10.88 -7.84
N GLU A 46 11.56 10.65 -9.14
CA GLU A 46 12.20 9.45 -9.71
C GLU A 46 13.68 9.39 -9.34
N GLU A 47 14.40 10.53 -9.38
CA GLU A 47 15.81 10.59 -8.94
C GLU A 47 15.93 10.15 -7.49
N VAL A 48 15.05 10.67 -6.63
CA VAL A 48 15.06 10.33 -5.23
C VAL A 48 14.91 8.84 -5.06
N GLN A 49 13.92 8.27 -5.75
CA GLN A 49 13.67 6.84 -5.61
C GLN A 49 14.88 6.02 -6.10
N ARG A 50 15.50 6.44 -7.21
CA ARG A 50 16.67 5.70 -7.73
C ARG A 50 17.86 5.77 -6.77
N CYS A 51 18.04 6.92 -6.14
CA CYS A 51 19.11 7.06 -5.14
C CYS A 51 18.92 6.07 -3.99
N THR A 52 17.70 5.98 -3.50
CA THR A 52 17.37 5.02 -2.47
C THR A 52 17.64 3.58 -2.94
N ALA A 53 17.18 3.27 -4.15
CA ALA A 53 17.35 1.89 -4.68
C ALA A 53 18.82 1.51 -4.84
N ASP A 54 19.65 2.45 -5.28
CA ASP A 54 21.03 2.12 -5.64
C ASP A 54 21.96 2.04 -4.42
N MET A 55 21.60 2.77 -3.36
CA MET A 55 22.49 2.80 -2.20
C MET A 55 22.20 1.62 -1.28
N ASN A 56 23.26 0.99 -0.73
CA ASN A 56 23.11 -0.17 0.13
C ASN A 56 23.34 0.38 1.53
N ILE A 57 22.28 0.42 2.32
CA ILE A 57 22.33 0.91 3.69
C ILE A 57 21.83 -0.25 4.58
N THR A 58 22.69 -0.74 5.46
CA THR A 58 22.36 -1.92 6.26
C THR A 58 21.30 -1.60 7.33
N ALA A 59 20.45 -2.59 7.66
CA ALA A 59 19.46 -2.52 8.75
C ALA A 59 19.39 -3.92 9.37
N GLU A 60 20.56 -4.43 9.80
CA GLU A 60 20.67 -5.76 10.37
C GLU A 60 19.85 -5.93 11.65
N HIS A 61 19.86 -4.92 12.51
CA HIS A 61 19.13 -5.04 13.78
C HIS A 61 17.63 -5.16 13.56
N SER A 62 17.12 -4.40 12.61
CA SER A 62 15.67 -4.47 12.31
C SER A 62 15.22 -5.83 11.84
N ASN A 63 16.13 -6.53 11.17
CA ASN A 63 15.87 -7.87 10.62
C ASN A 63 16.21 -9.02 11.56
N HIS A 64 16.70 -8.75 12.77
CA HIS A 64 17.04 -9.84 13.68
C HIS A 64 15.73 -10.49 14.16
N PRO A 65 15.69 -11.83 14.24
CA PRO A 65 14.45 -12.51 14.66
C PRO A 65 13.82 -11.98 15.95
N GLU A 66 14.65 -11.59 16.92
CA GLU A 66 14.15 -11.10 18.20
C GLU A 66 13.48 -9.74 18.08
N ASN A 67 13.78 -9.00 17.02
CA ASN A 67 13.23 -7.67 16.85
C ASN A 67 12.08 -7.60 15.86
N LYS A 68 11.75 -8.72 15.20
CA LYS A 68 10.73 -8.66 14.15
C LYS A 68 9.39 -8.16 14.67
N HIS A 69 8.99 -8.54 15.89
CA HIS A 69 7.71 -8.11 16.45
C HIS A 69 7.68 -6.61 16.83
N LYS A 70 8.86 -5.99 16.85
CA LYS A 70 8.99 -4.59 17.21
C LYS A 70 8.83 -3.64 16.02
N ASN A 71 8.64 -4.21 14.83
CA ASN A 71 8.40 -3.42 13.63
C ASN A 71 6.95 -3.50 13.24
N ARG A 72 6.33 -2.34 13.05
CA ARG A 72 4.94 -2.28 12.64
C ARG A 72 4.77 -2.87 11.24
N TYR A 73 5.73 -2.55 10.36
CA TYR A 73 5.71 -3.05 8.99
C TYR A 73 6.99 -3.84 8.72
N ILE A 74 6.82 -5.01 8.11
CA ILE A 74 7.96 -5.90 7.82
C ILE A 74 8.99 -5.28 6.89
N ASN A 75 8.54 -4.36 6.05
CA ASN A 75 9.39 -3.69 5.05
C ASN A 75 9.76 -2.22 5.34
N ILE A 76 9.54 -1.76 6.58
CA ILE A 76 9.90 -0.44 7.03
C ILE A 76 10.82 -0.66 8.19
N LEU A 77 12.10 -0.46 7.88
CA LEU A 77 13.18 -0.76 8.78
C LEU A 77 13.85 0.51 9.28
N ALA A 78 14.80 0.28 10.20
CA ALA A 78 15.59 1.34 10.83
C ALA A 78 17.04 1.14 10.42
N TYR A 79 17.58 1.98 9.53
CA TYR A 79 18.98 1.85 9.13
C TYR A 79 19.92 1.80 10.34
N ASP A 80 20.91 0.90 10.30
CA ASP A 80 21.77 0.72 11.46
C ASP A 80 22.51 1.98 11.88
N HIS A 81 23.05 2.71 10.91
CA HIS A 81 23.98 3.79 11.25
C HIS A 81 23.34 4.94 12.01
N SER A 82 22.05 5.12 11.78
CA SER A 82 21.29 6.27 12.33
C SER A 82 20.23 5.82 13.32
N ARG A 83 20.13 4.52 13.60
CA ARG A 83 19.06 4.04 14.47
C ARG A 83 19.26 4.60 15.88
N VAL A 84 18.14 4.90 16.56
CA VAL A 84 18.21 5.29 17.98
C VAL A 84 18.36 4.03 18.82
N LYS A 85 19.41 4.02 19.65
CA LYS A 85 19.65 2.87 20.55
C LYS A 85 19.13 3.16 21.94
N LEU A 86 18.41 2.19 22.49
CA LEU A 86 18.00 2.22 23.90
C LEU A 86 19.14 1.66 24.72
N ARG A 87 19.25 2.14 25.95
CA ARG A 87 20.24 1.56 26.86
C ARG A 87 19.91 0.08 27.05
N PRO A 88 20.93 -0.79 27.02
CA PRO A 88 20.59 -2.20 27.24
C PRO A 88 19.93 -2.48 28.61
N LEU A 89 19.03 -3.45 28.65
CA LEU A 89 18.37 -3.84 29.89
C LEU A 89 18.96 -5.14 30.46
N PRO A 90 19.23 -5.17 31.79
CA PRO A 90 19.46 -6.44 32.47
C PRO A 90 18.26 -7.40 32.33
N HIS A 96 19.05 -7.81 22.57
CA HIS A 96 18.30 -6.98 21.60
C HIS A 96 17.32 -5.98 22.22
N SER A 97 17.49 -5.77 23.53
CA SER A 97 16.75 -4.77 24.26
C SER A 97 17.11 -3.33 23.85
N ASP A 98 18.16 -3.16 23.03
CA ASP A 98 18.57 -1.84 22.55
C ASP A 98 17.76 -1.34 21.34
N TYR A 99 16.88 -2.19 20.80
CA TYR A 99 16.26 -1.90 19.52
C TYR A 99 14.90 -1.21 19.61
N ILE A 100 14.80 -0.17 18.80
CA ILE A 100 13.54 0.49 18.49
C ILE A 100 13.59 0.92 17.01
N ASN A 101 12.43 0.83 16.35
CA ASN A 101 12.33 1.20 14.94
C ASN A 101 12.20 2.72 14.88
N ALA A 102 13.35 3.37 14.92
CA ALA A 102 13.46 4.82 15.00
C ALA A 102 14.83 5.21 14.50
N ASN A 103 14.91 6.36 13.83
CA ASN A 103 16.19 6.89 13.37
C ASN A 103 16.37 8.37 13.69
N TYR A 104 17.60 8.75 13.98
CA TYR A 104 17.93 10.18 14.03
C TYR A 104 17.87 10.74 12.59
N VAL A 105 17.35 11.93 12.45
CA VAL A 105 17.28 12.61 11.16
C VAL A 105 17.67 14.07 11.32
N ASP A 106 18.52 14.55 10.40
CA ASP A 106 18.97 15.92 10.46
C ASP A 106 17.87 16.92 10.17
N GLY A 107 18.08 18.13 10.70
CA GLY A 107 17.33 19.26 10.29
C GLY A 107 18.21 20.19 9.49
N TYR A 108 17.74 21.39 9.23
N TYR A 108 17.67 21.38 9.32
CA TYR A 108 18.42 22.35 8.31
CA TYR A 108 18.38 22.58 8.89
C TYR A 108 19.94 22.46 8.53
C TYR A 108 19.49 22.89 9.87
N ASN A 109 20.34 23.03 9.66
N ASN A 109 20.72 22.65 9.41
CA ASN A 109 21.75 22.92 10.09
CA ASN A 109 21.91 23.05 10.16
C ASN A 109 22.22 21.85 11.09
C ASN A 109 22.20 22.20 11.40
N LYS A 110 21.24 21.40 11.87
CA LYS A 110 21.43 20.64 13.10
C LYS A 110 21.36 19.15 12.80
N ALA A 111 22.44 18.47 13.16
CA ALA A 111 22.43 17.05 13.18
C ALA A 111 21.47 16.51 14.22
N LYS A 112 20.81 15.42 13.86
CA LYS A 112 19.97 14.71 14.82
C LYS A 112 18.89 15.63 15.42
N ALA A 113 18.36 16.51 14.59
CA ALA A 113 17.26 17.41 15.03
C ALA A 113 15.96 16.67 15.36
N TYR A 114 15.76 15.53 14.71
CA TYR A 114 14.54 14.76 14.89
C TYR A 114 14.87 13.29 15.18
N ILE A 115 13.93 12.60 15.79
CA ILE A 115 13.85 11.14 15.75
C ILE A 115 12.59 10.83 14.95
N ALA A 116 12.78 10.17 13.82
CA ALA A 116 11.69 9.71 12.98
C ALA A 116 11.42 8.26 13.33
N THR A 117 10.18 7.98 13.67
CA THR A 117 9.83 6.65 14.15
C THR A 117 8.41 6.24 13.72
N GLN A 118 8.16 4.94 13.80
CA GLN A 118 6.84 4.40 13.48
C GLN A 118 5.86 4.74 14.61
N GLY A 119 4.58 4.63 14.30
CA GLY A 119 3.58 4.63 15.35
C GLY A 119 3.80 3.45 16.27
N PRO A 120 3.97 3.70 17.58
CA PRO A 120 4.28 2.57 18.43
C PRO A 120 3.20 1.49 18.53
N LEU A 121 3.66 0.27 18.80
CA LEU A 121 2.81 -0.87 19.03
C LEU A 121 2.63 -1.08 20.54
N LYS A 122 1.56 -1.76 20.94
CA LYS A 122 1.43 -2.06 22.37
C LYS A 122 2.70 -2.69 22.93
N SER A 123 3.29 -3.60 22.15
CA SER A 123 4.50 -4.28 22.59
C SER A 123 5.76 -3.41 22.62
N THR A 124 5.69 -2.20 22.07
CA THR A 124 6.83 -1.29 22.09
C THR A 124 6.55 0.01 22.85
N PHE A 125 5.40 0.14 23.53
CA PHE A 125 5.14 1.34 24.36
C PHE A 125 6.22 1.63 25.41
N GLU A 126 6.67 0.60 26.12
CA GLU A 126 7.72 0.80 27.12
C GLU A 126 8.98 1.33 26.47
N ASP A 127 9.35 0.70 25.35
CA ASP A 127 10.53 1.13 24.60
C ASP A 127 10.39 2.58 24.12
N PHE A 128 9.22 2.92 23.57
CA PHE A 128 8.94 4.24 23.06
C PHE A 128 9.15 5.31 24.15
N TRP A 129 8.49 5.14 25.31
CA TRP A 129 8.64 6.13 26.38
C TRP A 129 10.05 6.14 26.99
N ARG A 130 10.71 4.98 27.04
CA ARG A 130 12.08 4.95 27.53
C ARG A 130 13.01 5.73 26.57
N MET A 131 12.80 5.59 25.27
CA MET A 131 13.52 6.39 24.28
C MET A 131 13.29 7.90 24.52
N ILE A 132 12.03 8.30 24.67
N ILE A 132 12.05 8.31 24.70
CA ILE A 132 11.73 9.70 24.98
CA ILE A 132 11.76 9.73 24.95
C ILE A 132 12.58 10.14 26.18
C ILE A 132 12.48 10.22 26.23
N TRP A 133 12.51 9.37 27.25
CA TRP A 133 13.24 9.72 28.47
C TRP A 133 14.75 9.84 28.19
N GLU A 134 15.32 8.76 27.65
CA GLU A 134 16.77 8.69 27.45
C GLU A 134 17.31 9.77 26.50
N GLN A 135 16.47 10.16 25.51
CA GLN A 135 16.87 11.14 24.50
C GLN A 135 16.62 12.60 24.88
N ASN A 136 15.95 12.82 26.04
CA ASN A 136 15.60 14.16 26.51
C ASN A 136 14.64 14.87 25.56
N THR A 137 13.79 14.09 24.91
CA THR A 137 12.80 14.60 23.99
C THR A 137 11.70 15.31 24.77
N GLY A 138 11.33 16.49 24.27
CA GLY A 138 10.29 17.31 24.90
C GLY A 138 9.04 17.49 24.05
N ILE A 139 9.10 17.12 22.76
CA ILE A 139 8.01 17.36 21.82
C ILE A 139 7.83 16.08 20.99
N ILE A 140 6.56 15.66 20.87
CA ILE A 140 6.13 14.58 20.00
C ILE A 140 5.23 15.19 18.95
N VAL A 141 5.53 14.86 17.68
CA VAL A 141 4.72 15.27 16.54
C VAL A 141 4.10 14.02 15.97
N MET A 142 2.77 13.91 16.05
CA MET A 142 2.06 12.74 15.55
C MET A 142 1.22 13.15 14.37
N ILE A 143 1.37 12.47 13.23
CA ILE A 143 0.74 12.92 11.99
C ILE A 143 -0.10 11.77 11.44
N THR A 144 -0.91 11.17 12.30
CA THR A 144 -1.84 10.13 11.86
C THR A 144 -2.95 10.09 12.88
N ASN A 145 -4.14 9.62 12.47
CA ASN A 145 -5.11 9.18 13.47
C ASN A 145 -4.80 7.70 13.84
N LEU A 146 -5.28 7.28 15.00
CA LEU A 146 -5.03 5.90 15.44
C LEU A 146 -5.62 4.85 14.47
N VAL A 147 -6.83 5.15 14.00
CA VAL A 147 -7.53 4.37 12.98
C VAL A 147 -7.91 5.31 11.85
N GLU A 148 -7.65 4.89 10.61
CA GLU A 148 -8.02 5.64 9.41
C GLU A 148 -8.77 4.68 8.48
N LYS A 149 -9.97 5.09 8.08
CA LYS A 149 -10.86 4.30 7.21
C LYS A 149 -10.95 2.86 7.70
N GLY A 150 -11.09 2.71 9.02
CA GLY A 150 -11.27 1.40 9.61
C GLY A 150 -10.01 0.55 9.78
N ARG A 151 -8.85 1.09 9.41
CA ARG A 151 -7.56 0.39 9.42
C ARG A 151 -6.74 0.95 10.55
N ARG A 152 -6.15 0.09 11.37
CA ARG A 152 -5.27 0.50 12.47
C ARG A 152 -3.96 1.03 11.91
N LYS A 153 -3.64 2.26 12.31
CA LYS A 153 -2.40 2.93 11.91
C LYS A 153 -1.40 3.15 13.06
N CYS A 154 -1.89 3.18 14.28
CA CYS A 154 -1.08 3.50 15.45
C CYS A 154 -1.85 3.03 16.66
N ASP A 155 -1.15 2.52 17.69
CA ASP A 155 -1.74 2.17 18.99
CA ASP A 155 -1.80 2.20 18.94
C ASP A 155 -1.68 3.37 19.92
N GLN A 156 -2.65 3.51 20.83
CA GLN A 156 -2.68 4.66 21.71
C GLN A 156 -1.73 4.46 22.87
N TYR A 157 -0.58 5.14 22.74
CA TYR A 157 0.54 5.03 23.64
C TYR A 157 0.50 6.02 24.81
N TRP A 158 -0.59 6.75 24.96
CA TRP A 158 -0.75 7.73 26.01
C TRP A 158 -2.07 7.50 26.74
N PRO A 159 -2.15 7.96 28.01
CA PRO A 159 -3.39 7.81 28.77
C PRO A 159 -4.50 8.73 28.29
N THR A 160 -5.70 8.19 28.17
CA THR A 160 -6.87 9.01 27.81
C THR A 160 -7.14 10.06 28.89
N GLU A 161 -6.88 9.66 30.12
CA GLU A 161 -7.12 10.49 31.28
CA GLU A 161 -7.11 10.51 31.27
C GLU A 161 -6.11 10.11 32.34
N ASN A 162 -5.73 11.08 33.16
CA ASN A 162 -4.84 10.85 34.28
C ASN A 162 -3.52 10.18 33.85
N SER A 163 -3.08 9.15 34.57
CA SER A 163 -1.76 8.59 34.36
C SER A 163 -1.79 7.15 33.89
N GLU A 164 -0.68 6.75 33.28
CA GLU A 164 -0.44 5.37 32.88
C GLU A 164 1.05 5.11 33.07
N GLU A 165 1.39 3.88 33.48
CA GLU A 165 2.76 3.46 33.70
C GLU A 165 3.17 2.61 32.51
N TYR A 166 4.33 2.94 31.94
CA TYR A 166 4.89 2.21 30.79
C TYR A 166 6.30 1.83 31.23
N GLY A 167 6.40 0.68 31.87
CA GLY A 167 7.66 0.30 32.54
C GLY A 167 8.03 1.30 33.62
N ASN A 168 9.24 1.85 33.54
CA ASN A 168 9.71 2.78 34.56
C ASN A 168 9.25 4.22 34.32
N ILE A 169 8.49 4.46 33.24
CA ILE A 169 8.02 5.82 32.94
C ILE A 169 6.53 5.91 33.23
N ILE A 170 6.16 6.85 34.09
CA ILE A 170 4.74 7.17 34.34
CA ILE A 170 4.75 7.16 34.32
C ILE A 170 4.43 8.45 33.57
N VAL A 171 3.37 8.39 32.77
CA VAL A 171 2.96 9.47 31.89
C VAL A 171 1.61 9.96 32.42
N THR A 172 1.52 11.26 32.70
CA THR A 172 0.28 11.88 33.16
C THR A 172 -0.20 12.92 32.15
N LEU A 173 -1.47 12.81 31.74
CA LEU A 173 -2.07 13.81 30.83
C LEU A 173 -2.54 14.99 31.68
N LYS A 174 -1.93 16.15 31.45
CA LYS A 174 -2.27 17.35 32.19
C LYS A 174 -3.44 18.12 31.59
N SER A 175 -3.42 18.29 30.28
CA SER A 175 -4.41 19.09 29.59
C SER A 175 -4.41 18.85 28.09
N THR A 176 -5.56 19.17 27.47
CA THR A 176 -5.74 18.93 26.04
C THR A 176 -6.43 20.17 25.43
N LYS A 177 -5.94 20.57 24.27
CA LYS A 177 -6.64 21.58 23.44
C LYS A 177 -6.83 21.02 22.05
N ILE A 178 -8.09 20.99 21.63
CA ILE A 178 -8.46 20.41 20.32
C ILE A 178 -8.84 21.54 19.35
N HIS A 179 -7.92 21.80 18.43
CA HIS A 179 -8.13 22.79 17.38
C HIS A 179 -8.77 22.10 16.20
N ALA A 180 -9.12 22.88 15.16
CA ALA A 180 -9.81 22.30 13.99
C ALA A 180 -9.05 21.16 13.36
N CYS A 181 -7.74 21.36 13.18
CA CYS A 181 -6.89 20.41 12.45
CA CYS A 181 -6.90 20.41 12.45
C CYS A 181 -5.81 19.68 13.27
N TYR A 182 -5.63 20.07 14.52
CA TYR A 182 -4.67 19.41 15.40
C TYR A 182 -5.07 19.54 16.86
N THR A 183 -4.56 18.61 17.64
CA THR A 183 -4.76 18.57 19.06
C THR A 183 -3.41 18.64 19.76
N VAL A 184 -3.37 19.39 20.85
CA VAL A 184 -2.17 19.46 21.66
C VAL A 184 -2.47 18.83 23.02
N ARG A 185 -1.66 17.82 23.37
CA ARG A 185 -1.73 17.18 24.70
C ARG A 185 -0.46 17.44 25.45
N ARG A 186 -0.63 17.96 26.66
CA ARG A 186 0.47 18.30 27.53
C ARG A 186 0.56 17.18 28.55
N PHE A 187 1.74 16.57 28.62
CA PHE A 187 2.02 15.51 29.57
C PHE A 187 3.14 15.90 30.52
N SER A 188 3.13 15.26 31.68
CA SER A 188 4.30 15.20 32.54
C SER A 188 4.76 13.76 32.52
N ILE A 189 6.06 13.52 32.38
CA ILE A 189 6.58 12.16 32.54
C ILE A 189 7.63 12.11 33.65
N ARG A 190 7.65 10.97 34.33
CA ARG A 190 8.51 10.73 35.49
C ARG A 190 9.13 9.33 35.38
N ASN A 191 10.43 9.24 35.68
CA ASN A 191 11.11 7.96 35.70
C ASN A 191 11.16 7.51 37.14
N THR A 192 10.56 6.35 37.40
CA THR A 192 10.34 5.87 38.77
C THR A 192 11.56 5.10 39.30
N LYS A 193 12.56 4.88 38.47
CA LYS A 193 13.80 4.22 38.91
C LYS A 193 14.76 5.21 39.56
N GLU A 208 11.03 14.74 36.80
CA GLU A 208 9.79 14.93 36.01
C GLU A 208 10.03 15.94 34.91
N ARG A 209 9.46 15.67 33.73
CA ARG A 209 9.66 16.51 32.55
C ARG A 209 8.32 16.70 31.85
N VAL A 210 8.14 17.89 31.29
CA VAL A 210 6.99 18.19 30.43
C VAL A 210 7.29 17.64 29.02
N VAL A 211 6.34 16.90 28.46
CA VAL A 211 6.42 16.47 27.06
C VAL A 211 5.11 16.91 26.44
N ILE A 212 5.20 17.63 25.32
CA ILE A 212 4.03 18.11 24.60
C ILE A 212 3.85 17.38 23.28
N GLN A 213 2.63 16.87 23.04
CA GLN A 213 2.31 16.14 21.83
C GLN A 213 1.47 17.06 20.96
N TYR A 214 1.97 17.25 19.73
CA TYR A 214 1.28 17.95 18.68
C TYR A 214 0.74 16.90 17.72
N HIS A 215 -0.59 16.75 17.68
CA HIS A 215 -1.23 15.64 16.97
C HIS A 215 -2.10 16.19 15.85
N TYR A 216 -1.64 16.04 14.60
CA TYR A 216 -2.42 16.51 13.43
C TYR A 216 -3.48 15.47 13.17
N THR A 217 -4.74 15.92 13.12
CA THR A 217 -5.89 15.02 13.11
C THR A 217 -6.69 15.03 11.81
N GLN A 218 -6.31 15.89 10.88
CA GLN A 218 -7.09 16.03 9.63
C GLN A 218 -6.46 15.51 8.37
N TRP A 219 -5.35 14.76 8.46
CA TRP A 219 -4.78 14.24 7.21
C TRP A 219 -5.78 13.29 6.56
N PRO A 220 -6.03 13.49 5.25
CA PRO A 220 -7.05 12.64 4.64
C PRO A 220 -6.66 11.17 4.55
N ASP A 221 -7.68 10.32 4.45
CA ASP A 221 -7.50 8.87 4.34
C ASP A 221 -6.68 8.53 3.09
N MET A 222 -6.97 9.28 2.02
CA MET A 222 -6.30 9.15 0.73
C MET A 222 -5.72 10.49 0.28
N GLY A 223 -4.51 10.46 -0.23
CA GLY A 223 -3.86 11.64 -0.76
C GLY A 223 -3.30 12.54 0.31
N VAL A 224 -3.10 13.79 -0.09
CA VAL A 224 -2.57 14.81 0.81
C VAL A 224 -3.66 15.84 1.07
N PRO A 225 -3.46 16.69 2.10
CA PRO A 225 -4.45 17.73 2.35
C PRO A 225 -4.67 18.65 1.17
N GLU A 226 -5.94 18.97 0.96
CA GLU A 226 -6.37 19.85 -0.11
C GLU A 226 -5.78 21.27 0.06
N TYR A 227 -5.68 21.71 1.29
CA TYR A 227 -5.18 23.04 1.62
C TYR A 227 -3.97 22.89 2.53
N ALA A 228 -2.86 23.52 2.12
CA ALA A 228 -1.62 23.42 2.87
C ALA A 228 -1.64 24.24 4.14
N LEU A 229 -2.45 25.30 4.18
CA LEU A 229 -2.40 26.27 5.30
C LEU A 229 -2.47 25.59 6.69
N PRO A 230 -3.45 24.69 6.94
CA PRO A 230 -3.51 24.04 8.24
C PRO A 230 -2.25 23.28 8.65
N VAL A 231 -1.63 22.61 7.68
CA VAL A 231 -0.38 21.87 7.91
C VAL A 231 0.74 22.87 8.21
N LEU A 232 0.78 23.96 7.45
CA LEU A 232 1.78 25.02 7.70
CA LEU A 232 1.78 25.00 7.68
C LEU A 232 1.65 25.55 9.11
N THR A 233 0.42 25.81 9.54
CA THR A 233 0.22 26.32 10.89
C THR A 233 0.71 25.31 11.94
N PHE A 234 0.36 24.05 11.70
CA PHE A 234 0.82 22.97 12.57
C PHE A 234 2.32 22.87 12.62
N VAL A 235 2.98 22.93 11.47
CA VAL A 235 4.45 22.88 11.46
C VAL A 235 5.02 24.06 12.22
N ARG A 236 4.52 25.26 11.95
CA ARG A 236 5.04 26.47 12.61
C ARG A 236 4.90 26.40 14.14
N ARG A 237 3.73 25.95 14.62
CA ARG A 237 3.48 25.94 16.07
C ARG A 237 4.25 24.84 16.76
N SER A 238 4.28 23.65 16.13
CA SER A 238 4.99 22.52 16.75
C SER A 238 6.51 22.76 16.75
N SER A 239 7.00 23.42 15.70
CA SER A 239 8.44 23.69 15.58
CA SER A 239 8.43 23.72 15.55
C SER A 239 8.87 24.78 16.57
N ALA A 240 8.00 25.77 16.78
CA ALA A 240 8.28 26.88 17.73
C ALA A 240 8.34 26.35 19.18
N ALA A 241 7.69 25.21 19.43
CA ALA A 241 7.66 24.59 20.77
C ALA A 241 8.99 23.97 21.20
N ARG A 242 9.91 23.75 20.26
CA ARG A 242 11.21 23.19 20.55
C ARG A 242 11.99 24.20 21.40
N MET A 243 12.34 23.77 22.61
CA MET A 243 13.09 24.58 23.57
C MET A 243 14.59 24.30 23.49
N PRO A 244 15.41 25.29 23.90
CA PRO A 244 16.86 25.08 23.97
C PRO A 244 17.29 23.95 24.91
N GLU A 245 18.41 23.31 24.57
CA GLU A 245 19.04 22.30 25.42
C GLU A 245 18.08 21.15 25.68
N THR A 246 17.33 20.75 24.64
CA THR A 246 16.47 19.59 24.74
C THR A 246 16.85 18.64 23.64
N GLY A 247 16.36 17.40 23.73
CA GLY A 247 16.68 16.43 22.74
C GLY A 247 15.90 16.57 21.45
N PRO A 248 16.10 15.60 20.57
CA PRO A 248 15.44 15.67 19.27
C PRO A 248 13.93 15.67 19.41
N VAL A 249 13.25 16.31 18.45
CA VAL A 249 11.80 16.23 18.32
C VAL A 249 11.46 14.91 17.72
N LEU A 250 10.53 14.18 18.36
CA LEU A 250 10.12 12.88 17.89
C LEU A 250 8.96 13.14 16.90
N VAL A 251 9.11 12.61 15.69
CA VAL A 251 8.07 12.73 14.65
C VAL A 251 7.65 11.30 14.22
N HIS A 252 6.35 11.07 14.20
CA HIS A 252 5.86 9.78 13.74
C HIS A 252 4.50 9.91 13.07
N CYS A 253 4.21 8.92 12.25
CA CYS A 253 2.88 8.71 11.68
C CYS A 253 2.56 7.24 11.93
N SER A 254 2.29 6.48 10.88
CA SER A 254 2.08 5.05 11.04
CA SER A 254 2.05 5.05 10.96
C SER A 254 3.40 4.35 10.81
N ALA A 255 3.93 4.41 9.58
CA ALA A 255 5.24 3.83 9.28
C ALA A 255 6.40 4.72 9.70
N GLY A 256 6.11 6.01 9.88
CA GLY A 256 7.19 6.97 10.20
C GLY A 256 8.08 7.32 9.02
N VAL A 257 7.52 7.26 7.81
CA VAL A 257 8.28 7.60 6.56
C VAL A 257 7.60 8.70 5.72
N GLY A 258 6.31 8.55 5.40
CA GLY A 258 5.70 9.46 4.39
C GLY A 258 5.33 10.83 4.96
N ARG A 259 4.26 10.85 5.78
CA ARG A 259 3.88 12.10 6.43
C ARG A 259 5.00 12.62 7.34
N THR A 260 5.70 11.71 8.02
CA THR A 260 6.83 12.10 8.86
C THR A 260 7.92 12.85 8.07
N GLY A 261 8.31 12.29 6.91
CA GLY A 261 9.31 12.94 6.09
C GLY A 261 8.82 14.29 5.57
N THR A 262 7.52 14.37 5.21
CA THR A 262 6.94 15.58 4.69
C THR A 262 7.03 16.70 5.73
N TYR A 263 6.72 16.38 6.98
CA TYR A 263 6.86 17.32 8.06
C TYR A 263 8.30 17.81 8.18
N ILE A 264 9.25 16.87 8.25
CA ILE A 264 10.65 17.19 8.44
C ILE A 264 11.16 18.08 7.31
N VAL A 265 10.81 17.79 6.06
CA VAL A 265 11.26 18.67 4.98
C VAL A 265 10.60 20.07 5.03
N ILE A 266 9.28 20.13 5.23
CA ILE A 266 8.65 21.44 5.36
C ILE A 266 9.29 22.27 6.49
N ASP A 267 9.42 21.66 7.66
CA ASP A 267 9.96 22.37 8.84
C ASP A 267 11.38 22.88 8.51
N SER A 268 12.20 21.97 8.00
CA SER A 268 13.61 22.27 7.77
C SER A 268 13.77 23.34 6.68
N MET A 269 12.99 23.27 5.62
CA MET A 269 13.11 24.28 4.57
C MET A 269 12.56 25.63 5.03
N LEU A 270 11.50 25.62 5.84
CA LEU A 270 11.04 26.90 6.40
C LEU A 270 12.13 27.52 7.26
N GLN A 271 12.81 26.71 8.08
CA GLN A 271 13.88 27.22 8.95
CA GLN A 271 13.86 27.25 8.96
C GLN A 271 15.05 27.75 8.15
N GLN A 272 15.35 27.09 7.04
CA GLN A 272 16.42 27.52 6.16
C GLN A 272 16.07 28.87 5.48
N ILE A 273 14.83 29.01 5.00
CA ILE A 273 14.35 30.25 4.38
C ILE A 273 14.45 31.40 5.41
N LYS A 274 13.99 31.14 6.62
CA LYS A 274 14.02 32.14 7.72
C LYS A 274 15.45 32.60 8.04
N ASP A 275 16.38 31.66 8.10
CA ASP A 275 17.75 31.95 8.53
C ASP A 275 18.64 32.43 7.39
N LYS A 276 18.69 31.63 6.32
N LYS A 276 18.68 31.61 6.33
CA LYS A 276 19.67 31.82 5.24
CA LYS A 276 19.30 32.03 5.07
C LYS A 276 19.08 32.46 4.00
C LYS A 276 18.24 32.86 4.39
N SER A 277 17.81 32.19 3.77
N SER A 277 18.30 32.87 3.07
CA SER A 277 17.26 32.15 2.42
CA SER A 277 17.11 33.10 2.28
C SER A 277 17.69 30.81 1.82
C SER A 277 17.25 32.16 1.09
N THR A 278 18.06 30.82 0.55
N THR A 278 17.64 30.90 1.39
CA THR A 278 18.57 29.63 -0.12
CA THR A 278 17.95 29.89 0.38
C THR A 278 17.98 28.33 0.45
C THR A 278 17.19 28.60 0.64
N VAL A 279 17.15 27.70 -0.37
CA VAL A 279 16.51 26.40 -0.12
C VAL A 279 17.12 25.37 -1.10
N ASN A 280 17.26 24.10 -0.70
CA ASN A 280 17.63 23.04 -1.64
C ASN A 280 16.82 21.81 -1.24
N VAL A 281 15.55 21.79 -1.65
CA VAL A 281 14.66 20.75 -1.21
C VAL A 281 15.13 19.37 -1.64
N LEU A 282 15.50 19.23 -2.90
CA LEU A 282 15.86 17.91 -3.46
C LEU A 282 17.11 17.37 -2.77
N GLY A 283 18.12 18.21 -2.56
CA GLY A 283 19.37 17.72 -1.94
C GLY A 283 19.12 17.37 -0.49
N PHE A 284 18.30 18.16 0.21
CA PHE A 284 17.97 17.85 1.60
C PHE A 284 17.24 16.52 1.67
N LEU A 285 16.25 16.33 0.79
CA LEU A 285 15.50 15.07 0.79
C LEU A 285 16.41 13.86 0.52
N LYS A 286 17.28 13.97 -0.48
CA LYS A 286 18.22 12.86 -0.76
C LYS A 286 19.06 12.53 0.46
N HIS A 287 19.45 13.57 1.20
CA HIS A 287 20.28 13.40 2.37
C HIS A 287 19.50 12.67 3.48
N ILE A 288 18.32 13.18 3.82
CA ILE A 288 17.56 12.50 4.90
C ILE A 288 17.14 11.08 4.52
N ARG A 289 16.97 10.82 3.23
CA ARG A 289 16.64 9.46 2.76
C ARG A 289 17.78 8.45 3.06
N THR A 290 18.98 8.95 3.35
CA THR A 290 20.07 8.08 3.82
C THR A 290 19.99 7.78 5.31
N GLN A 291 19.10 8.50 6.01
CA GLN A 291 18.95 8.40 7.47
C GLN A 291 17.76 7.55 7.92
N ARG A 292 16.68 7.60 7.15
CA ARG A 292 15.55 6.69 7.38
C ARG A 292 14.93 6.32 6.07
N ASN A 293 14.63 5.03 5.89
CA ASN A 293 14.15 4.57 4.59
C ASN A 293 12.88 5.29 4.22
N TYR A 294 12.83 5.76 2.97
CA TYR A 294 11.59 6.20 2.32
C TYR A 294 11.00 7.51 2.83
N LEU A 295 11.77 8.29 3.56
CA LEU A 295 11.25 9.60 4.02
C LEU A 295 10.71 10.43 2.84
N VAL A 296 9.47 10.88 2.94
CA VAL A 296 8.72 11.45 1.83
C VAL A 296 8.51 10.32 0.82
N GLN A 297 7.43 9.60 1.05
CA GLN A 297 7.26 8.31 0.38
C GLN A 297 6.70 8.44 -1.04
N THR A 298 5.93 9.51 -1.31
CA THR A 298 5.22 9.61 -2.55
C THR A 298 5.48 10.93 -3.27
N GLU A 299 5.39 10.88 -4.59
CA GLU A 299 5.51 12.08 -5.39
C GLU A 299 4.49 13.13 -4.97
N GLU A 300 3.29 12.67 -4.65
CA GLU A 300 2.24 13.61 -4.20
C GLU A 300 2.68 14.39 -2.94
N GLN A 301 3.37 13.71 -2.03
CA GLN A 301 3.91 14.36 -0.86
C GLN A 301 5.00 15.34 -1.23
N TYR A 302 5.83 14.95 -2.19
CA TYR A 302 6.93 15.83 -2.67
C TYR A 302 6.34 17.11 -3.23
N ILE A 303 5.26 17.00 -4.00
CA ILE A 303 4.62 18.19 -4.55
C ILE A 303 3.99 19.04 -3.43
N PHE A 304 3.34 18.35 -2.49
CA PHE A 304 2.71 19.03 -1.35
C PHE A 304 3.68 19.86 -0.56
N ILE A 305 4.89 19.35 -0.39
CA ILE A 305 5.96 20.14 0.30
C ILE A 305 6.15 21.50 -0.39
N HIS A 306 6.20 21.48 -1.71
CA HIS A 306 6.39 22.71 -2.48
C HIS A 306 5.17 23.60 -2.42
N ASP A 307 3.96 23.03 -2.46
CA ASP A 307 2.73 23.82 -2.26
CA ASP A 307 2.76 23.85 -2.25
C ASP A 307 2.78 24.55 -0.90
N ALA A 308 3.14 23.82 0.15
CA ALA A 308 3.19 24.37 1.49
C ALA A 308 4.25 25.49 1.54
N LEU A 309 5.44 25.24 0.98
CA LEU A 309 6.47 26.28 1.07
C LEU A 309 6.04 27.51 0.28
N LEU A 310 5.43 27.31 -0.89
CA LEU A 310 4.93 28.44 -1.69
C LEU A 310 3.90 29.25 -0.91
N GLU A 311 2.95 28.57 -0.27
CA GLU A 311 1.97 29.28 0.57
C GLU A 311 2.62 30.10 1.71
N ALA A 312 3.64 29.52 2.35
CA ALA A 312 4.41 30.21 3.41
C ALA A 312 5.04 31.49 2.85
N ILE A 313 5.63 31.36 1.68
CA ILE A 313 6.37 32.46 1.06
C ILE A 313 5.43 33.57 0.66
N LEU A 314 4.28 33.20 0.08
CA LEU A 314 3.30 34.21 -0.34
C LEU A 314 2.53 34.82 0.83
N GLY A 315 2.37 34.08 1.92
CA GLY A 315 1.59 34.57 3.08
C GLY A 315 2.33 35.63 3.88
N GLN B 21 -0.42 -28.70 4.84
CA GLN B 21 -1.31 -29.79 5.31
C GLN B 21 -1.38 -30.96 4.31
N SER B 22 -1.39 -32.19 4.85
CA SER B 22 -1.72 -33.38 4.07
C SER B 22 -3.20 -33.35 3.72
N MET B 23 -3.64 -34.26 2.85
CA MET B 23 -5.04 -34.30 2.42
C MET B 23 -5.94 -34.57 3.60
N LYS B 24 -5.60 -35.60 4.37
CA LYS B 24 -6.37 -35.96 5.54
C LYS B 24 -6.43 -34.82 6.56
N GLN B 25 -5.30 -34.18 6.83
CA GLN B 25 -5.25 -33.04 7.75
C GLN B 25 -6.11 -31.89 7.27
N PHE B 26 -5.98 -31.56 6.00
CA PHE B 26 -6.80 -30.51 5.41
C PHE B 26 -8.29 -30.81 5.50
N VAL B 27 -8.66 -32.04 5.19
CA VAL B 27 -10.06 -32.44 5.19
C VAL B 27 -10.63 -32.36 6.60
N LYS B 28 -9.94 -32.95 7.58
CA LYS B 28 -10.27 -32.68 8.98
C LYS B 28 -10.36 -31.18 9.28
N HIS B 29 -9.41 -30.39 8.78
CA HIS B 29 -9.41 -28.95 9.06
C HIS B 29 -10.66 -28.21 8.52
N ILE B 30 -11.22 -28.64 7.40
CA ILE B 30 -12.45 -28.03 6.87
C ILE B 30 -13.59 -28.17 7.88
N GLY B 31 -13.76 -29.37 8.43
CA GLY B 31 -14.80 -29.60 9.44
C GLY B 31 -14.60 -28.74 10.67
N GLU B 32 -13.34 -28.59 11.06
CA GLU B 32 -12.99 -27.76 12.22
C GLU B 32 -13.39 -26.31 11.95
N LEU B 33 -13.15 -25.81 10.72
CA LEU B 33 -13.50 -24.44 10.35
C LEU B 33 -15.03 -24.22 10.34
N TYR B 34 -15.76 -25.25 9.96
CA TYR B 34 -17.22 -25.24 9.95
C TYR B 34 -17.86 -25.29 11.33
N SER B 35 -17.15 -25.87 12.31
CA SER B 35 -17.73 -26.16 13.63
C SER B 35 -18.03 -24.87 14.41
N ASN B 36 -18.88 -24.97 15.43
CA ASN B 36 -19.28 -23.81 16.23
C ASN B 36 -19.78 -22.66 15.34
N ASN B 37 -20.74 -22.98 14.47
CA ASN B 37 -21.35 -22.03 13.54
C ASN B 37 -20.31 -21.27 12.73
N GLN B 38 -19.36 -22.04 12.19
CA GLN B 38 -18.30 -21.51 11.31
C GLN B 38 -17.37 -20.50 11.97
N HIS B 39 -17.18 -20.61 13.28
CA HIS B 39 -16.26 -19.72 13.99
C HIS B 39 -14.88 -19.65 13.31
N GLY B 40 -14.31 -20.83 13.00
CA GLY B 40 -12.97 -20.93 12.42
C GLY B 40 -12.85 -20.22 11.08
N PHE B 41 -13.88 -20.35 10.24
CA PHE B 41 -13.89 -19.62 8.95
C PHE B 41 -13.84 -18.11 9.20
N SER B 42 -14.64 -17.63 10.15
CA SER B 42 -14.63 -16.20 10.47
C SER B 42 -13.27 -15.74 11.00
N GLU B 43 -12.65 -16.55 11.87
CA GLU B 43 -11.34 -16.21 12.42
C GLU B 43 -10.29 -16.18 11.29
N ASP B 44 -10.33 -17.16 10.39
CA ASP B 44 -9.41 -17.17 9.26
C ASP B 44 -9.63 -15.96 8.37
N PHE B 45 -10.87 -15.62 8.07
CA PHE B 45 -11.10 -14.54 7.12
C PHE B 45 -10.69 -13.17 7.71
N GLU B 46 -10.88 -13.00 9.02
CA GLU B 46 -10.40 -11.80 9.71
C GLU B 46 -8.86 -11.71 9.62
N GLU B 47 -8.18 -12.86 9.76
CA GLU B 47 -6.72 -12.97 9.58
C GLU B 47 -6.33 -12.56 8.16
N VAL B 48 -7.11 -12.99 7.17
CA VAL B 48 -6.85 -12.63 5.75
C VAL B 48 -7.02 -11.12 5.57
N GLN B 49 -8.08 -10.56 6.17
CA GLN B 49 -8.38 -9.14 5.99
CA GLN B 49 -8.38 -9.14 6.00
C GLN B 49 -7.29 -8.28 6.61
N ARG B 50 -6.63 -8.80 7.63
CA ARG B 50 -5.54 -8.09 8.34
C ARG B 50 -4.12 -8.53 7.92
N CYS B 51 -3.98 -9.46 6.99
CA CYS B 51 -2.66 -10.10 6.73
C CYS B 51 -1.65 -9.19 6.02
N THR B 52 -2.10 -8.07 5.45
CA THR B 52 -1.14 -7.11 4.90
C THR B 52 -1.08 -5.80 5.72
N ALA B 53 -1.73 -5.80 6.90
CA ALA B 53 -1.59 -4.69 7.87
C ALA B 53 -0.15 -4.49 8.31
N ASP B 54 0.67 -5.55 8.25
CA ASP B 54 2.06 -5.39 8.60
C ASP B 54 3.00 -5.35 7.38
N MET B 55 2.48 -4.99 6.23
CA MET B 55 3.32 -4.69 5.05
CA MET B 55 3.33 -4.67 5.10
C MET B 55 2.91 -3.33 4.52
N ASN B 56 3.88 -2.48 4.29
CA ASN B 56 3.60 -1.16 3.80
C ASN B 56 3.54 -1.26 2.29
N ILE B 57 2.37 -1.09 1.71
CA ILE B 57 2.17 -1.27 0.27
C ILE B 57 1.50 -0.05 -0.36
N THR B 58 2.14 0.53 -1.37
CA THR B 58 1.60 1.73 -2.02
C THR B 58 0.84 1.34 -3.32
N ALA B 59 -0.09 2.20 -3.72
CA ALA B 59 -0.78 2.14 -5.01
C ALA B 59 -0.97 3.58 -5.54
N GLU B 60 0.15 4.29 -5.69
CA GLU B 60 0.13 5.69 -6.10
C GLU B 60 -0.33 5.86 -7.53
N HIS B 61 0.09 4.99 -8.44
CA HIS B 61 -0.29 5.16 -9.86
C HIS B 61 -1.80 5.10 -10.03
N SER B 62 -2.45 4.19 -9.30
CA SER B 62 -3.91 4.00 -9.46
C SER B 62 -4.69 5.26 -9.18
N ASN B 63 -4.17 6.07 -8.27
CA ASN B 63 -4.88 7.28 -7.86
C ASN B 63 -4.30 8.57 -8.40
N HIS B 64 -3.38 8.49 -9.36
CA HIS B 64 -3.00 9.69 -10.06
C HIS B 64 -4.22 10.23 -10.81
N PRO B 65 -4.44 11.57 -10.75
CA PRO B 65 -5.60 12.13 -11.46
C PRO B 65 -5.85 11.64 -12.91
N GLU B 66 -4.79 11.41 -13.69
CA GLU B 66 -4.92 10.93 -15.09
C GLU B 66 -5.38 9.47 -15.17
N ASN B 67 -5.16 8.72 -14.10
CA ASN B 67 -5.52 7.31 -14.10
C ASN B 67 -6.83 6.96 -13.44
N LYS B 68 -7.41 7.89 -12.67
CA LYS B 68 -8.61 7.55 -11.91
C LYS B 68 -9.73 7.01 -12.79
N HIS B 69 -9.91 7.57 -13.98
CA HIS B 69 -10.97 7.11 -14.88
C HIS B 69 -10.74 5.69 -15.42
N LYS B 70 -9.52 5.20 -15.26
CA LYS B 70 -9.14 3.89 -15.77
C LYS B 70 -9.45 2.81 -14.75
N ASN B 71 -9.96 3.20 -13.58
CA ASN B 71 -10.39 2.27 -12.55
C ASN B 71 -11.90 2.15 -12.57
N ARG B 72 -12.41 0.92 -12.62
CA ARG B 72 -13.85 0.69 -12.66
C ARG B 72 -14.50 1.01 -11.31
N TYR B 73 -13.73 0.80 -10.24
CA TYR B 73 -14.18 1.03 -8.85
C TYR B 73 -13.17 1.91 -8.13
N ILE B 74 -13.65 2.95 -7.46
CA ILE B 74 -12.79 3.96 -6.86
C ILE B 74 -11.79 3.39 -5.82
N ASN B 75 -12.20 2.34 -5.08
CA ASN B 75 -11.42 1.74 -3.99
C ASN B 75 -10.68 0.46 -4.36
N ILE B 76 -10.78 0.00 -5.61
CA ILE B 76 -10.09 -1.20 -6.07
C ILE B 76 -8.93 -0.76 -6.93
N LEU B 77 -7.73 -0.87 -6.35
CA LEU B 77 -6.49 -0.31 -6.90
C LEU B 77 -5.53 -1.43 -7.31
N ALA B 78 -4.41 -1.03 -7.94
CA ALA B 78 -3.38 -1.95 -8.38
C ALA B 78 -2.06 -1.57 -7.68
N TYR B 79 -1.58 -2.41 -6.77
CA TYR B 79 -0.41 -2.11 -5.96
C TYR B 79 0.75 -1.81 -6.89
N ASP B 80 1.57 -0.82 -6.53
CA ASP B 80 2.62 -0.38 -7.42
C ASP B 80 3.66 -1.48 -7.67
N HIS B 81 3.98 -2.26 -6.65
CA HIS B 81 5.11 -3.18 -6.78
C HIS B 81 4.81 -4.37 -7.67
N SER B 82 3.52 -4.67 -7.89
CA SER B 82 3.13 -5.85 -8.65
C SER B 82 2.26 -5.49 -9.85
N ARG B 83 2.05 -4.20 -10.12
CA ARG B 83 1.18 -3.80 -11.24
C ARG B 83 1.77 -4.19 -12.58
N VAL B 84 0.89 -4.48 -13.54
CA VAL B 84 1.35 -4.74 -14.88
C VAL B 84 1.54 -3.41 -15.58
N LYS B 85 2.70 -3.19 -16.18
CA LYS B 85 2.99 -1.91 -16.83
C LYS B 85 2.90 -2.11 -18.32
N LEU B 86 2.17 -1.22 -18.98
CA LEU B 86 2.15 -1.14 -20.43
C LEU B 86 3.37 -0.35 -20.88
N ARG B 87 3.92 -0.70 -22.02
CA ARG B 87 4.94 0.14 -22.65
C ARG B 87 4.38 1.57 -22.84
N PRO B 88 5.18 2.60 -22.55
CA PRO B 88 4.69 3.97 -22.75
C PRO B 88 4.39 4.27 -24.23
N LEU B 89 3.30 5.01 -24.49
CA LEU B 89 2.97 5.48 -25.82
C LEU B 89 3.78 6.77 -26.11
N PRO B 90 4.02 7.07 -27.40
CA PRO B 90 4.76 8.29 -27.81
C PRO B 90 4.11 9.59 -27.32
N SER B 94 2.18 9.08 -23.54
CA SER B 94 2.22 10.06 -22.48
C SER B 94 2.61 9.42 -21.13
N LYS B 95 2.79 10.27 -20.12
CA LYS B 95 3.39 9.84 -18.85
C LYS B 95 2.65 8.65 -18.22
N HIS B 96 1.33 8.73 -18.17
CA HIS B 96 0.55 7.69 -17.51
C HIS B 96 -0.08 6.65 -18.45
N SER B 97 0.43 6.60 -19.68
CA SER B 97 0.01 5.60 -20.64
C SER B 97 0.51 4.19 -20.28
N ASP B 98 1.38 4.10 -19.25
CA ASP B 98 1.79 2.78 -18.74
C ASP B 98 0.80 2.09 -17.79
N TYR B 99 -0.29 2.76 -17.44
CA TYR B 99 -1.17 2.26 -16.39
C TYR B 99 -2.33 1.42 -16.85
N ILE B 100 -2.51 0.30 -16.16
CA ILE B 100 -3.71 -0.50 -16.26
C ILE B 100 -3.99 -1.09 -14.88
N ASN B 101 -5.28 -1.21 -14.54
CA ASN B 101 -5.65 -1.71 -13.22
C ASN B 101 -5.55 -3.24 -13.27
N ALA B 102 -4.34 -3.74 -13.06
CA ALA B 102 -4.01 -5.15 -13.19
C ALA B 102 -2.75 -5.42 -12.38
N ASN B 103 -2.65 -6.61 -11.80
CA ASN B 103 -1.44 -7.02 -11.07
C ASN B 103 -1.06 -8.43 -11.44
N TYR B 104 0.23 -8.68 -11.43
CA TYR B 104 0.71 -10.06 -11.48
C TYR B 104 0.41 -10.75 -10.18
N VAL B 105 0.03 -12.04 -10.26
CA VAL B 105 -0.28 -12.81 -9.07
C VAL B 105 0.35 -14.17 -9.24
N ASP B 106 1.04 -14.67 -8.20
CA ASP B 106 1.67 -15.98 -8.24
C ASP B 106 0.68 -17.15 -8.27
N GLY B 107 1.15 -18.30 -8.80
CA GLY B 107 0.46 -19.58 -8.72
C GLY B 107 1.20 -20.36 -7.64
N TYR B 108 0.86 -21.62 -7.42
CA TYR B 108 1.38 -22.26 -6.19
C TYR B 108 2.92 -22.45 -6.22
N ASN B 109 3.45 -22.69 -7.43
CA ASN B 109 4.87 -23.01 -7.71
C ASN B 109 5.36 -22.27 -8.98
N LYS B 110 4.79 -21.10 -9.24
CA LYS B 110 5.11 -20.36 -10.45
C LYS B 110 4.89 -18.87 -10.17
N ALA B 111 5.97 -18.10 -10.24
CA ALA B 111 5.89 -16.65 -10.15
C ALA B 111 5.06 -16.09 -11.31
N LYS B 112 4.18 -15.15 -10.99
CA LYS B 112 3.45 -14.36 -11.99
C LYS B 112 2.69 -15.26 -12.97
N ALA B 113 2.02 -16.27 -12.41
CA ALA B 113 1.26 -17.22 -13.21
C ALA B 113 0.00 -16.60 -13.79
N TYR B 114 -0.50 -15.57 -13.12
CA TYR B 114 -1.68 -14.86 -13.52
C TYR B 114 -1.48 -13.35 -13.63
N ILE B 115 -2.36 -12.73 -14.43
CA ILE B 115 -2.64 -11.31 -14.29
C ILE B 115 -4.09 -11.22 -13.81
N ALA B 116 -4.29 -10.64 -12.63
CA ALA B 116 -5.62 -10.38 -12.09
C ALA B 116 -5.96 -8.94 -12.40
N THR B 117 -7.12 -8.75 -13.07
CA THR B 117 -7.46 -7.42 -13.56
C THR B 117 -8.97 -7.23 -13.48
N GLN B 118 -9.38 -5.96 -13.49
CA GLN B 118 -10.80 -5.65 -13.58
C GLN B 118 -11.38 -5.98 -14.96
N GLY B 119 -12.71 -6.03 -15.01
CA GLY B 119 -13.38 -6.08 -16.28
C GLY B 119 -13.20 -4.76 -16.99
N PRO B 120 -12.64 -4.79 -18.20
CA PRO B 120 -12.28 -3.52 -18.84
C PRO B 120 -13.44 -2.61 -19.14
N LEU B 121 -13.13 -1.33 -19.13
CA LEU B 121 -14.06 -0.27 -19.51
C LEU B 121 -13.87 0.03 -21.00
N LYS B 122 -14.86 0.62 -21.65
CA LYS B 122 -14.66 1.05 -23.04
C LYS B 122 -13.38 1.89 -23.20
N SER B 123 -13.16 2.79 -22.24
CA SER B 123 -11.99 3.65 -22.23
C SER B 123 -10.64 2.94 -22.04
N THR B 124 -10.68 1.67 -21.62
CA THR B 124 -9.47 0.88 -21.38
C THR B 124 -9.39 -0.38 -22.28
N PHE B 125 -10.30 -0.54 -23.25
CA PHE B 125 -10.19 -1.67 -24.19
C PHE B 125 -8.83 -1.72 -24.90
N GLU B 126 -8.36 -0.56 -25.42
CA GLU B 126 -7.05 -0.55 -26.11
C GLU B 126 -5.95 -1.00 -25.18
N ASP B 127 -5.97 -0.48 -23.95
CA ASP B 127 -4.96 -0.84 -22.95
C ASP B 127 -5.02 -2.34 -22.63
N PHE B 128 -6.22 -2.88 -22.52
CA PHE B 128 -6.44 -4.29 -22.16
C PHE B 128 -5.83 -5.21 -23.23
N TRP B 129 -6.16 -4.96 -24.48
CA TRP B 129 -5.62 -5.82 -25.55
C TRP B 129 -4.11 -5.58 -25.74
N ARG B 130 -3.63 -4.37 -25.49
CA ARG B 130 -2.19 -4.13 -25.56
C ARG B 130 -1.44 -4.91 -24.46
N MET B 131 -2.04 -4.96 -23.29
CA MET B 131 -1.50 -5.77 -22.19
C MET B 131 -1.45 -7.23 -22.62
N ILE B 132 -2.53 -7.74 -23.17
CA ILE B 132 -2.56 -9.14 -23.63
C ILE B 132 -1.45 -9.43 -24.64
N TRP B 133 -1.26 -8.49 -25.57
CA TRP B 133 -0.19 -8.66 -26.58
C TRP B 133 1.20 -8.58 -25.94
N GLU B 134 1.48 -7.49 -25.23
CA GLU B 134 2.79 -7.27 -24.63
C GLU B 134 3.17 -8.38 -23.67
N GLN B 135 2.20 -8.93 -22.93
CA GLN B 135 2.48 -9.94 -21.93
C GLN B 135 2.42 -11.38 -22.44
N ASN B 136 2.11 -11.56 -23.71
CA ASN B 136 2.08 -12.89 -24.35
C ASN B 136 1.07 -13.83 -23.69
N THR B 137 -0.06 -13.24 -23.29
CA THR B 137 -1.17 -13.95 -22.71
C THR B 137 -1.91 -14.73 -23.78
N GLY B 138 -2.18 -16.00 -23.51
CA GLY B 138 -2.95 -16.84 -24.43
C GLY B 138 -4.32 -17.23 -23.93
N ILE B 139 -4.57 -17.02 -22.65
CA ILE B 139 -5.83 -17.48 -22.00
C ILE B 139 -6.37 -16.34 -21.18
N ILE B 140 -7.67 -16.07 -21.40
CA ILE B 140 -8.47 -15.15 -20.59
C ILE B 140 -9.50 -15.97 -19.85
N VAL B 141 -9.62 -15.73 -18.54
CA VAL B 141 -10.65 -16.35 -17.70
C VAL B 141 -11.54 -15.25 -17.22
N MET B 142 -12.80 -15.26 -17.67
CA MET B 142 -13.76 -14.21 -17.37
C MET B 142 -14.84 -14.80 -16.49
N ILE B 143 -15.04 -14.25 -15.29
CA ILE B 143 -15.92 -14.87 -14.28
C ILE B 143 -17.02 -13.89 -13.91
N THR B 144 -17.68 -13.40 -14.94
CA THR B 144 -18.79 -12.47 -14.76
C THR B 144 -19.61 -12.45 -16.04
N ASN B 145 -20.87 -12.07 -15.97
CA ASN B 145 -21.58 -11.64 -17.16
C ASN B 145 -21.38 -10.13 -17.29
N LEU B 146 -21.61 -9.62 -18.48
CA LEU B 146 -21.46 -8.19 -18.72
C LEU B 146 -22.40 -7.34 -17.87
N VAL B 147 -23.67 -7.78 -17.82
CA VAL B 147 -24.72 -7.14 -17.00
C VAL B 147 -25.30 -8.28 -16.21
N GLU B 148 -25.36 -8.13 -14.90
CA GLU B 148 -25.91 -9.16 -14.02
C GLU B 148 -27.16 -8.64 -13.37
N LYS B 149 -28.31 -9.14 -13.86
CA LYS B 149 -29.61 -8.78 -13.34
C LYS B 149 -29.75 -7.24 -13.32
N GLY B 150 -29.36 -6.60 -14.43
CA GLY B 150 -29.53 -5.17 -14.62
C GLY B 150 -28.39 -4.29 -14.17
N ARG B 151 -27.35 -4.86 -13.55
CA ARG B 151 -26.21 -4.10 -13.05
C ARG B 151 -25.01 -4.31 -13.97
N ARG B 152 -24.44 -3.21 -14.45
CA ARG B 152 -23.29 -3.29 -15.35
C ARG B 152 -22.05 -3.72 -14.56
N LYS B 153 -21.46 -4.83 -15.02
CA LYS B 153 -20.27 -5.42 -14.38
C LYS B 153 -19.02 -5.33 -15.24
N CYS B 154 -19.20 -5.35 -16.56
CA CYS B 154 -18.06 -5.39 -17.48
C CYS B 154 -18.54 -4.94 -18.84
N ASP B 155 -17.72 -4.21 -19.57
CA ASP B 155 -18.04 -3.85 -20.92
C ASP B 155 -17.50 -4.91 -21.91
N GLN B 156 -18.18 -5.01 -23.06
CA GLN B 156 -17.84 -6.07 -24.03
C GLN B 156 -16.62 -5.70 -24.88
N TYR B 157 -15.51 -6.31 -24.52
CA TYR B 157 -14.21 -6.00 -25.08
C TYR B 157 -13.84 -6.92 -26.24
N TRP B 158 -14.78 -7.74 -26.69
CA TRP B 158 -14.52 -8.62 -27.81
C TRP B 158 -15.62 -8.48 -28.86
N PRO B 159 -15.29 -8.85 -30.12
CA PRO B 159 -16.32 -8.77 -31.17
C PRO B 159 -17.37 -9.86 -31.06
N THR B 160 -18.65 -9.47 -31.20
CA THR B 160 -19.76 -10.42 -31.21
C THR B 160 -19.63 -11.39 -32.41
N GLU B 161 -19.18 -10.85 -33.54
CA GLU B 161 -18.86 -11.67 -34.74
C GLU B 161 -17.72 -11.00 -35.50
N ASN B 162 -16.97 -11.79 -36.27
CA ASN B 162 -15.89 -11.26 -37.11
C ASN B 162 -14.85 -10.44 -36.32
N SER B 163 -14.46 -9.26 -36.78
CA SER B 163 -13.33 -8.54 -36.19
C SER B 163 -13.71 -7.19 -35.58
N GLU B 164 -12.94 -6.76 -34.58
CA GLU B 164 -12.97 -5.38 -34.09
C GLU B 164 -11.54 -4.94 -33.88
N GLU B 165 -11.28 -3.65 -34.05
CA GLU B 165 -9.94 -3.07 -33.89
C GLU B 165 -9.91 -2.31 -32.57
N TYR B 166 -8.88 -2.57 -31.78
CA TYR B 166 -8.66 -1.88 -30.52
C TYR B 166 -7.25 -1.29 -30.55
N GLY B 167 -7.12 -0.08 -31.09
CA GLY B 167 -5.80 0.48 -31.30
C GLY B 167 -5.09 -0.34 -32.35
N ASN B 168 -3.89 -0.82 -32.04
CA ASN B 168 -3.08 -1.59 -32.98
C ASN B 168 -3.36 -3.08 -32.92
N ILE B 169 -4.33 -3.48 -32.11
CA ILE B 169 -4.70 -4.90 -31.99
C ILE B 169 -6.05 -5.17 -32.67
N ILE B 170 -6.04 -6.04 -33.68
CA ILE B 170 -7.27 -6.47 -34.34
C ILE B 170 -7.63 -7.85 -33.81
N VAL B 171 -8.84 -7.97 -33.27
CA VAL B 171 -9.30 -9.20 -32.62
C VAL B 171 -10.40 -9.80 -33.48
N THR B 172 -10.26 -11.08 -33.81
CA THR B 172 -11.27 -11.78 -34.64
C THR B 172 -11.78 -13.01 -33.90
N LEU B 173 -13.10 -13.10 -33.76
CA LEU B 173 -13.74 -14.26 -33.18
C LEU B 173 -13.73 -15.36 -34.21
N LYS B 174 -13.15 -16.49 -33.83
CA LYS B 174 -13.02 -17.64 -34.72
C LYS B 174 -14.00 -18.77 -34.47
N SER B 175 -14.27 -19.05 -33.20
CA SER B 175 -15.18 -20.13 -32.83
C SER B 175 -15.69 -19.94 -31.40
N THR B 176 -16.86 -20.52 -31.13
CA THR B 176 -17.52 -20.46 -29.84
C THR B 176 -18.08 -21.86 -29.50
N LYS B 177 -17.81 -22.29 -28.27
CA LYS B 177 -18.39 -23.50 -27.72
C LYS B 177 -19.15 -23.13 -26.47
N ILE B 178 -20.43 -23.53 -26.41
CA ILE B 178 -21.29 -23.15 -25.29
C ILE B 178 -21.62 -24.39 -24.45
N HIS B 179 -21.36 -24.27 -23.16
CA HIS B 179 -21.73 -25.28 -22.15
C HIS B 179 -22.76 -24.67 -21.21
N ALA B 180 -23.32 -25.48 -20.33
CA ALA B 180 -24.37 -25.00 -19.45
C ALA B 180 -23.91 -23.82 -18.58
N CYS B 181 -22.68 -23.90 -18.08
CA CYS B 181 -22.22 -22.94 -17.09
C CYS B 181 -21.08 -22.08 -17.57
N TYR B 182 -20.58 -22.33 -18.78
CA TYR B 182 -19.52 -21.50 -19.35
C TYR B 182 -19.48 -21.61 -20.85
N THR B 183 -18.86 -20.61 -21.47
CA THR B 183 -18.68 -20.49 -22.93
C THR B 183 -17.19 -20.35 -23.19
N VAL B 184 -16.71 -20.95 -24.27
CA VAL B 184 -15.31 -20.79 -24.65
C VAL B 184 -15.28 -20.12 -26.02
N ARG B 185 -14.55 -19.01 -26.15
CA ARG B 185 -14.39 -18.29 -27.40
C ARG B 185 -12.94 -18.33 -27.81
N ARG B 186 -12.68 -18.70 -29.06
CA ARG B 186 -11.32 -18.68 -29.58
C ARG B 186 -11.22 -17.47 -30.48
N PHE B 187 -10.21 -16.64 -30.22
CA PHE B 187 -9.90 -15.47 -31.03
C PHE B 187 -8.56 -15.64 -31.75
N SER B 188 -8.37 -14.89 -32.84
CA SER B 188 -7.06 -14.62 -33.38
C SER B 188 -6.86 -13.16 -33.15
N ILE B 189 -5.68 -12.79 -32.67
CA ILE B 189 -5.36 -11.36 -32.56
C ILE B 189 -4.11 -11.05 -33.39
N ARG B 190 -4.13 -9.86 -33.98
CA ARG B 190 -3.11 -9.41 -34.89
C ARG B 190 -2.65 -8.03 -34.46
N ASN B 191 -1.33 -7.82 -34.38
CA ASN B 191 -0.75 -6.49 -34.12
C ASN B 191 -0.44 -5.83 -35.47
N THR B 192 -1.15 -4.74 -35.75
CA THR B 192 -1.04 -4.06 -37.04
C THR B 192 0.18 -3.16 -37.17
N LYS B 193 0.92 -2.97 -36.08
CA LYS B 193 2.25 -2.37 -36.20
C LYS B 193 3.29 -3.48 -36.44
N VAL B 194 2.80 -4.71 -36.73
CA VAL B 194 3.56 -5.99 -36.70
C VAL B 194 4.39 -6.21 -35.44
N ASN B 207 3.11 -11.77 -35.81
CA ASN B 207 1.99 -11.03 -36.39
C ASN B 207 0.62 -11.40 -35.79
N GLU B 208 0.29 -12.71 -35.76
CA GLU B 208 -1.02 -13.20 -35.25
C GLU B 208 -0.90 -14.28 -34.18
N ARG B 209 -1.81 -14.24 -33.21
CA ARG B 209 -1.77 -15.15 -32.07
C ARG B 209 -3.16 -15.66 -31.73
N VAL B 210 -3.20 -16.84 -31.11
CA VAL B 210 -4.44 -17.41 -30.61
C VAL B 210 -4.64 -17.00 -29.15
N VAL B 211 -5.87 -16.56 -28.85
CA VAL B 211 -6.27 -16.24 -27.48
C VAL B 211 -7.60 -16.97 -27.26
N ILE B 212 -7.67 -17.74 -26.18
CA ILE B 212 -8.87 -18.48 -25.81
C ILE B 212 -9.45 -17.88 -24.55
N GLN B 213 -10.74 -17.55 -24.61
CA GLN B 213 -11.46 -16.95 -23.49
C GLN B 213 -12.42 -17.99 -22.90
N TYR B 214 -12.20 -18.32 -21.63
CA TYR B 214 -13.07 -19.21 -20.82
C TYR B 214 -13.97 -18.30 -20.02
N HIS B 215 -15.26 -18.24 -20.37
CA HIS B 215 -16.21 -17.28 -19.82
C HIS B 215 -17.24 -18.02 -18.97
N TYR B 216 -17.11 -17.93 -17.64
CA TYR B 216 -18.11 -18.53 -16.75
C TYR B 216 -19.36 -17.68 -16.73
N THR B 217 -20.51 -18.28 -17.08
CA THR B 217 -21.74 -17.53 -17.30
C THR B 217 -22.83 -17.74 -16.26
N GLN B 218 -22.57 -18.57 -15.26
CA GLN B 218 -23.58 -18.94 -14.27
C GLN B 218 -23.18 -18.64 -12.83
N TRP B 219 -22.25 -17.72 -12.61
CA TRP B 219 -21.96 -17.29 -11.23
C TRP B 219 -23.18 -16.50 -10.77
N PRO B 220 -23.71 -16.81 -9.59
CA PRO B 220 -24.90 -16.07 -9.16
C PRO B 220 -24.60 -14.61 -8.86
N ASP B 221 -25.59 -13.73 -9.07
CA ASP B 221 -25.37 -12.30 -8.90
C ASP B 221 -25.14 -11.92 -7.42
N MET B 222 -25.74 -12.69 -6.53
CA MET B 222 -25.47 -12.61 -5.10
C MET B 222 -24.85 -13.90 -4.61
N GLY B 223 -23.86 -13.78 -3.74
CA GLY B 223 -23.29 -14.92 -3.09
C GLY B 223 -22.38 -15.75 -3.99
N VAL B 224 -22.36 -17.04 -3.72
CA VAL B 224 -21.46 -17.96 -4.36
C VAL B 224 -22.27 -19.11 -5.00
N PRO B 225 -21.66 -19.81 -5.97
CA PRO B 225 -22.38 -20.89 -6.65
C PRO B 225 -22.92 -21.92 -5.65
N GLU B 226 -24.16 -22.35 -5.88
CA GLU B 226 -24.79 -23.33 -4.99
C GLU B 226 -24.16 -24.72 -5.15
N TYR B 227 -23.58 -24.99 -6.32
CA TYR B 227 -22.99 -26.29 -6.63
C TYR B 227 -21.56 -26.07 -7.09
N ALA B 228 -20.61 -26.67 -6.39
CA ALA B 228 -19.20 -26.48 -6.75
C ALA B 228 -18.78 -27.21 -8.04
N LEU B 229 -19.47 -28.29 -8.42
CA LEU B 229 -18.99 -29.12 -9.54
C LEU B 229 -18.80 -28.32 -10.83
N PRO B 230 -19.80 -27.51 -11.25
CA PRO B 230 -19.50 -26.80 -12.52
C PRO B 230 -18.30 -25.86 -12.47
N VAL B 231 -18.04 -25.28 -11.30
CA VAL B 231 -16.91 -24.40 -11.11
C VAL B 231 -15.60 -25.20 -11.14
N LEU B 232 -15.61 -26.36 -10.49
CA LEU B 232 -14.43 -27.24 -10.57
C LEU B 232 -14.11 -27.62 -12.03
N THR B 233 -15.13 -27.99 -12.79
CA THR B 233 -14.91 -28.40 -14.17
C THR B 233 -14.34 -27.23 -14.97
N PHE B 234 -14.90 -26.05 -14.75
CA PHE B 234 -14.44 -24.82 -15.39
C PHE B 234 -12.98 -24.56 -15.03
N VAL B 235 -12.65 -24.65 -13.74
CA VAL B 235 -11.27 -24.44 -13.32
C VAL B 235 -10.34 -25.47 -13.95
N ARG B 236 -10.72 -26.75 -13.92
CA ARG B 236 -9.85 -27.79 -14.47
CA ARG B 236 -9.85 -27.79 -14.47
C ARG B 236 -9.60 -27.56 -15.97
N ARG B 237 -10.66 -27.30 -16.72
CA ARG B 237 -10.50 -27.13 -18.17
C ARG B 237 -9.74 -25.88 -18.57
N SER B 238 -10.06 -24.77 -17.93
CA SER B 238 -9.43 -23.50 -18.26
C SER B 238 -7.95 -23.51 -17.82
N SER B 239 -7.64 -24.24 -16.74
CA SER B 239 -6.26 -24.37 -16.26
C SER B 239 -5.44 -25.32 -17.15
N ALA B 240 -6.07 -26.41 -17.59
CA ALA B 240 -5.41 -27.35 -18.52
C ALA B 240 -5.00 -26.67 -19.85
N ALA B 241 -5.73 -25.62 -20.21
CA ALA B 241 -5.51 -24.86 -21.45
C ALA B 241 -4.21 -24.05 -21.45
N ARG B 242 -3.61 -23.83 -20.28
CA ARG B 242 -2.33 -23.14 -20.20
C ARG B 242 -1.21 -24.02 -20.74
N MET B 243 -0.57 -23.54 -21.80
CA MET B 243 0.51 -24.29 -22.40
C MET B 243 1.87 -23.84 -21.87
N PRO B 244 2.89 -24.70 -22.01
CA PRO B 244 4.25 -24.33 -21.61
C PRO B 244 4.77 -23.11 -22.36
N GLU B 245 5.61 -22.34 -21.69
CA GLU B 245 6.35 -21.24 -22.32
C GLU B 245 5.42 -20.18 -22.89
N THR B 246 4.31 -19.91 -22.17
CA THR B 246 3.41 -18.83 -22.51
C THR B 246 3.36 -17.80 -21.37
N GLY B 247 2.79 -16.64 -21.66
CA GLY B 247 2.61 -15.60 -20.68
C GLY B 247 1.52 -15.93 -19.65
N PRO B 248 1.32 -15.03 -18.68
CA PRO B 248 0.40 -15.30 -17.60
C PRO B 248 -1.03 -15.45 -18.13
N VAL B 249 -1.80 -16.24 -17.39
CA VAL B 249 -3.24 -16.35 -17.67
C VAL B 249 -3.94 -15.09 -17.08
N LEU B 250 -4.75 -14.41 -17.88
CA LEU B 250 -5.47 -13.21 -17.44
C LEU B 250 -6.77 -13.65 -16.83
N VAL B 251 -7.01 -13.24 -15.58
CA VAL B 251 -8.25 -13.65 -14.86
C VAL B 251 -8.95 -12.34 -14.51
N HIS B 252 -10.24 -12.19 -14.84
CA HIS B 252 -10.99 -11.03 -14.42
C HIS B 252 -12.44 -11.35 -14.10
N CYS B 253 -13.05 -10.47 -13.31
CA CYS B 253 -14.46 -10.48 -13.07
C CYS B 253 -14.92 -9.04 -13.30
N SER B 254 -15.59 -8.42 -12.33
CA SER B 254 -15.91 -7.01 -12.48
CA SER B 254 -15.92 -7.01 -12.47
C SER B 254 -14.77 -6.18 -11.89
N ALA B 255 -14.54 -6.31 -10.58
CA ALA B 255 -13.45 -5.55 -9.93
C ALA B 255 -12.11 -6.30 -10.09
N GLY B 256 -12.13 -7.60 -10.37
CA GLY B 256 -10.89 -8.36 -10.44
C GLY B 256 -10.29 -8.70 -9.09
N VAL B 257 -11.16 -8.86 -8.09
CA VAL B 257 -10.66 -9.28 -6.78
C VAL B 257 -11.38 -10.49 -6.16
N GLY B 258 -12.70 -10.49 -6.18
CA GLY B 258 -13.49 -11.50 -5.45
C GLY B 258 -13.55 -12.84 -6.13
N ARG B 259 -14.30 -12.92 -7.23
CA ARG B 259 -14.35 -14.13 -7.99
C ARG B 259 -12.96 -14.49 -8.57
N THR B 260 -12.25 -13.46 -9.04
CA THR B 260 -10.92 -13.61 -9.57
C THR B 260 -10.01 -14.33 -8.54
N GLY B 261 -9.99 -13.82 -7.29
CA GLY B 261 -9.17 -14.46 -6.26
C GLY B 261 -9.62 -15.87 -5.94
N THR B 262 -10.93 -16.09 -5.96
CA THR B 262 -11.51 -17.40 -5.69
C THR B 262 -11.00 -18.41 -6.72
N TYR B 263 -11.01 -18.00 -7.99
CA TYR B 263 -10.53 -18.82 -9.10
C TYR B 263 -9.05 -19.14 -8.89
N ILE B 264 -8.27 -18.12 -8.64
CA ILE B 264 -6.82 -18.30 -8.48
C ILE B 264 -6.47 -19.26 -7.34
N VAL B 265 -7.18 -19.16 -6.20
CA VAL B 265 -6.89 -20.04 -5.07
C VAL B 265 -7.34 -21.47 -5.38
N ILE B 266 -8.54 -21.64 -5.91
CA ILE B 266 -8.98 -23.00 -6.23
C ILE B 266 -8.03 -23.64 -7.23
N ASP B 267 -7.70 -22.91 -8.28
CA ASP B 267 -6.81 -23.48 -9.33
C ASP B 267 -5.49 -23.87 -8.70
N SER B 268 -4.90 -22.94 -7.97
CA SER B 268 -3.56 -23.15 -7.42
C SER B 268 -3.52 -24.29 -6.43
N MET B 269 -4.55 -24.40 -5.59
CA MET B 269 -4.62 -25.49 -4.61
C MET B 269 -4.89 -26.85 -5.26
N LEU B 270 -5.70 -26.89 -6.31
CA LEU B 270 -5.92 -28.14 -7.05
C LEU B 270 -4.62 -28.59 -7.67
N GLN B 271 -3.85 -27.64 -8.21
CA GLN B 271 -2.55 -28.01 -8.80
C GLN B 271 -1.57 -28.48 -7.72
N GLN B 272 -1.59 -27.83 -6.57
CA GLN B 272 -0.76 -28.26 -5.43
C GLN B 272 -1.12 -29.68 -4.95
N ILE B 273 -2.41 -29.96 -4.88
CA ILE B 273 -2.89 -31.29 -4.49
C ILE B 273 -2.39 -32.35 -5.49
N LYS B 274 -2.63 -32.11 -6.79
CA LYS B 274 -2.16 -33.00 -7.87
C LYS B 274 -0.66 -33.29 -7.79
N ASP B 275 0.14 -32.24 -7.64
CA ASP B 275 1.60 -32.38 -7.66
C ASP B 275 2.22 -32.91 -6.37
N LYS B 276 1.82 -32.32 -5.24
CA LYS B 276 2.50 -32.55 -3.96
C LYS B 276 1.64 -33.31 -2.94
N SER B 277 0.36 -33.53 -3.24
CA SER B 277 -0.60 -34.08 -2.26
C SER B 277 -0.63 -33.26 -0.95
N THR B 278 -0.47 -31.95 -1.09
CA THR B 278 -0.53 -31.04 0.04
C THR B 278 -1.38 -29.84 -0.36
N VAL B 279 -1.75 -29.05 0.65
CA VAL B 279 -2.59 -27.87 0.43
C VAL B 279 -2.23 -26.81 1.48
N ASN B 280 -2.39 -25.54 1.12
CA ASN B 280 -2.16 -24.46 2.05
C ASN B 280 -2.96 -23.24 1.64
N VAL B 281 -4.27 -23.34 1.83
CA VAL B 281 -5.19 -22.29 1.39
C VAL B 281 -4.89 -20.95 2.04
N LEU B 282 -4.84 -20.94 3.36
CA LEU B 282 -4.68 -19.71 4.11
C LEU B 282 -3.34 -19.03 3.80
N GLY B 283 -2.26 -19.81 3.79
CA GLY B 283 -0.93 -19.27 3.53
C GLY B 283 -0.82 -18.68 2.12
N PHE B 284 -1.36 -19.42 1.17
CA PHE B 284 -1.34 -18.96 -0.22
C PHE B 284 -2.18 -17.69 -0.37
N LEU B 285 -3.36 -17.66 0.24
CA LEU B 285 -4.20 -16.48 0.14
C LEU B 285 -3.51 -15.26 0.75
N LYS B 286 -2.93 -15.44 1.94
CA LYS B 286 -2.19 -14.35 2.57
C LYS B 286 -1.09 -13.83 1.65
N HIS B 287 -0.45 -14.74 0.92
CA HIS B 287 0.64 -14.37 0.00
C HIS B 287 0.11 -13.56 -1.18
N ILE B 288 -0.94 -14.05 -1.85
CA ILE B 288 -1.43 -13.32 -3.00
C ILE B 288 -2.10 -11.97 -2.65
N ARG B 289 -2.61 -11.87 -1.41
CA ARG B 289 -3.07 -10.59 -0.89
C ARG B 289 -1.97 -9.50 -0.90
N THR B 290 -0.70 -9.89 -0.89
CA THR B 290 0.41 -8.91 -1.03
C THR B 290 0.54 -8.39 -2.47
N GLN B 291 -0.11 -9.05 -3.42
CA GLN B 291 0.07 -8.78 -4.85
C GLN B 291 -1.10 -8.02 -5.48
N ARG B 292 -2.31 -8.27 -4.99
CA ARG B 292 -3.47 -7.46 -5.34
C ARG B 292 -4.46 -7.35 -4.21
N ASN B 293 -4.92 -6.13 -3.97
CA ASN B 293 -5.87 -5.86 -2.92
C ASN B 293 -7.13 -6.72 -2.97
N TYR B 294 -7.58 -7.23 -1.82
CA TYR B 294 -8.91 -7.79 -1.67
C TYR B 294 -9.13 -9.12 -2.40
N LEU B 295 -8.07 -9.77 -2.87
CA LEU B 295 -8.25 -11.09 -3.54
C LEU B 295 -9.00 -12.05 -2.57
N VAL B 296 -10.12 -12.59 -3.03
CA VAL B 296 -11.09 -13.38 -2.23
C VAL B 296 -11.70 -12.38 -1.26
N GLN B 297 -12.73 -11.71 -1.73
CA GLN B 297 -13.16 -10.46 -1.09
C GLN B 297 -14.11 -10.66 0.11
N THR B 298 -14.81 -11.80 0.15
CA THR B 298 -15.80 -12.07 1.18
C THR B 298 -15.54 -13.42 1.87
N GLU B 299 -15.99 -13.52 3.12
CA GLU B 299 -15.90 -14.75 3.87
C GLU B 299 -16.68 -15.85 3.15
N GLU B 300 -17.79 -15.50 2.50
CA GLU B 300 -18.58 -16.49 1.74
C GLU B 300 -17.73 -17.12 0.60
N GLN B 301 -16.91 -16.32 -0.09
CA GLN B 301 -15.98 -16.83 -1.12
C GLN B 301 -14.89 -17.71 -0.49
N TYR B 302 -14.41 -17.31 0.67
CA TYR B 302 -13.38 -18.08 1.40
C TYR B 302 -13.90 -19.48 1.77
N ILE B 303 -15.13 -19.51 2.23
CA ILE B 303 -15.82 -20.78 2.55
C ILE B 303 -16.01 -21.62 1.27
N PHE B 304 -16.46 -20.96 0.20
CA PHE B 304 -16.71 -21.66 -1.05
C PHE B 304 -15.44 -22.37 -1.59
N ILE B 305 -14.29 -21.71 -1.46
CA ILE B 305 -13.02 -22.33 -1.83
C ILE B 305 -12.87 -23.69 -1.14
N HIS B 306 -13.16 -23.74 0.15
CA HIS B 306 -13.03 -24.99 0.90
C HIS B 306 -14.08 -25.99 0.49
N ASP B 307 -15.31 -25.54 0.27
CA ASP B 307 -16.37 -26.44 -0.23
CA ASP B 307 -16.38 -26.42 -0.24
C ASP B 307 -15.95 -27.07 -1.55
N ALA B 308 -15.47 -26.24 -2.46
CA ALA B 308 -15.05 -26.71 -3.78
C ALA B 308 -13.89 -27.71 -3.68
N LEU B 309 -12.88 -27.37 -2.87
CA LEU B 309 -11.75 -28.29 -2.69
C LEU B 309 -12.16 -29.60 -2.02
N LEU B 310 -13.03 -29.51 -1.02
CA LEU B 310 -13.58 -30.71 -0.36
C LEU B 310 -14.26 -31.63 -1.37
N GLU B 311 -15.12 -31.07 -2.21
CA GLU B 311 -15.78 -31.85 -3.26
C GLU B 311 -14.79 -32.45 -4.28
N ALA B 312 -13.73 -31.74 -4.61
CA ALA B 312 -12.71 -32.27 -5.53
C ALA B 312 -12.04 -33.49 -4.90
N ILE B 313 -11.69 -33.35 -3.61
CA ILE B 313 -10.95 -34.40 -2.88
C ILE B 313 -11.80 -35.66 -2.68
N LEU B 314 -13.10 -35.47 -2.43
CA LEU B 314 -14.04 -36.59 -2.24
C LEU B 314 -14.53 -37.20 -3.55
N GLY B 315 -14.35 -36.48 -4.67
CA GLY B 315 -15.07 -36.77 -5.92
C GLY B 315 -14.36 -37.77 -6.81
CL CL C . 11.28 21.26 14.80
CL CL D . -0.33 -1.28 11.01
CL CL E . 10.12 -0.49 17.78
CL CL F . 24.96 3.01 15.03
CAC FLC G . -1.44 25.16 20.84
CA FLC G . -0.31 25.55 21.78
CB FLC G . -0.77 25.85 23.19
CBC FLC G . -1.83 26.94 23.21
CG FLC G . 0.47 26.36 23.94
CGC FLC G . 0.59 25.67 25.26
OA1 FLC G . -2.54 24.75 21.33
OA2 FLC G . -1.17 25.27 19.62
OB1 FLC G . -2.76 26.87 24.06
OB2 FLC G . -1.74 27.88 22.37
OG1 FLC G . -0.47 25.46 25.89
OG2 FLC G . 1.73 25.34 25.68
OHB FLC G . -1.34 24.65 23.75
C ACT H . 1.54 4.24 6.35
O ACT H . 2.15 5.03 7.14
OXT ACT H . 1.46 3.03 6.70
CH3 ACT H . 0.92 4.72 5.06
C1 EDO I . 10.46 4.29 -2.68
O1 EDO I . 11.81 4.83 -2.70
C2 EDO I . 9.47 5.18 -1.93
O2 EDO I . 9.22 6.35 -2.70
C1 EDO J . 8.21 1.83 -0.06
O1 EDO J . 7.26 2.82 -0.48
C2 EDO J . 7.68 1.00 1.10
O2 EDO J . 6.34 0.59 0.81
C1 EDO K . 14.70 22.43 11.87
O1 EDO K . 15.23 21.82 10.71
C2 EDO K . 15.27 21.82 13.13
O2 EDO K . 16.69 21.97 13.14
CL CL L . 5.74 4.31 -6.18
CL CL M . -16.03 -4.05 -4.99
CL CL N . -12.09 -8.03 1.50
NA NA O . -20.87 -15.78 -14.38
C ACT P . 0.31 1.28 3.80
O ACT P . 0.80 2.11 2.95
OXT ACT P . 0.36 0.07 3.48
CH3 ACT P . -0.33 1.69 5.11
C1 EDO Q . -0.67 -21.88 -11.96
O1 EDO Q . 0.76 -21.98 -11.76
C2 EDO Q . -1.45 -22.64 -10.91
O2 EDO Q . -1.24 -22.16 -9.59
C1 EDO R . -11.95 -24.57 -37.61
O1 EDO R . -10.99 -23.50 -37.61
C2 EDO R . -12.43 -24.71 -36.19
O2 EDO R . -13.10 -23.53 -35.73
#